data_8TAV
#
_entry.id   8TAV
#
_cell.length_a   67.381
_cell.length_b   67.381
_cell.length_c   55.473
_cell.angle_alpha   90.00
_cell.angle_beta   90.00
_cell.angle_gamma   90.00
#
_symmetry.space_group_name_H-M   'P 43'
#
loop_
_entity.id
_entity.type
_entity.pdbx_description
1 polymer 'Fluorophosphonate-binding serine hydrolase H'
2 non-polymer '[5-(trifluoromethyl)thiophen-2-yl]boronic acid'
3 non-polymer 'CALCIUM ION'
4 water water
#
_entity_poly.entity_id   1
_entity_poly.type   'polypeptide(L)'
_entity_poly.pdbx_seq_one_letter_code
;GPGMQIKLPKPFFFEEGKRAVLLLHGFTGNSSDVRQLGRFLQKKGYTSYAPQYEGHAAPPDEILKSSPFVWFKDALDGYD
YLVEQGYDEIVVAGLSLGGDFALKLSLNRDVKGIVTMCAPMGGKTEGAIYEGFLEYARNFKKYEGKDQETIDNEMDHFKP
TETLKELSEALDTIKEQVDEVLDPILVIQAENDNMIDPQSANYIYDHVDSDDKNIKWYSESGHVITIDKEKEQVFEDIYQ
FLESLDWSE
;
_entity_poly.pdbx_strand_id   A
#
# COMPACT_ATOMS: atom_id res chain seq x y z
N LEU A 8 15.00 -12.87 3.78
CA LEU A 8 13.89 -12.11 4.36
C LEU A 8 13.67 -10.83 3.54
N PRO A 9 12.45 -10.30 3.52
CA PRO A 9 12.18 -9.16 2.64
C PRO A 9 12.90 -7.90 3.13
N LYS A 10 13.39 -7.11 2.20
CA LYS A 10 14.07 -5.86 2.49
C LYS A 10 13.63 -4.80 1.49
N PRO A 11 13.87 -3.53 1.78
CA PRO A 11 13.67 -2.51 0.74
C PRO A 11 14.43 -2.89 -0.52
N PHE A 12 13.91 -2.45 -1.68
CA PHE A 12 14.59 -2.71 -2.94
C PHE A 12 14.59 -1.47 -3.83
N PHE A 13 15.63 -1.40 -4.68
CA PHE A 13 15.83 -0.31 -5.61
C PHE A 13 16.20 -0.93 -6.94
N PHE A 14 15.27 -0.86 -7.90
CA PHE A 14 15.46 -1.38 -9.24
C PHE A 14 15.68 -0.19 -10.16
N GLU A 15 16.93 0.11 -10.47
CA GLU A 15 17.25 1.26 -11.32
C GLU A 15 17.23 0.87 -12.78
N GLU A 16 16.40 1.57 -13.56
CA GLU A 16 16.31 1.40 -14.99
C GLU A 16 16.40 2.75 -15.69
N GLY A 17 15.29 3.20 -16.26
CA GLY A 17 15.24 4.48 -16.96
C GLY A 17 14.90 5.62 -16.02
N LYS A 18 14.71 6.80 -16.64
CA LYS A 18 14.53 8.04 -15.88
C LYS A 18 13.15 8.17 -15.24
N ARG A 19 12.14 7.42 -15.70
CA ARG A 19 10.81 7.49 -15.10
C ARG A 19 10.76 6.57 -13.89
N ALA A 20 10.30 7.06 -12.75
CA ALA A 20 10.38 6.29 -11.51
C ALA A 20 9.03 6.11 -10.85
N VAL A 21 8.89 4.98 -10.15
CA VAL A 21 7.73 4.62 -9.37
C VAL A 21 8.13 4.28 -7.93
N LEU A 22 7.52 4.96 -6.97
CA LEU A 22 7.67 4.62 -5.56
C LEU A 22 6.57 3.63 -5.19
N LEU A 23 6.96 2.45 -4.72
CA LEU A 23 6.04 1.34 -4.44
C LEU A 23 5.90 1.20 -2.94
N LEU A 24 4.68 1.35 -2.45
CA LEU A 24 4.41 1.31 -1.02
C LEU A 24 3.54 0.11 -0.68
N HIS A 25 4.00 -0.71 0.26
CA HIS A 25 3.31 -1.96 0.58
C HIS A 25 2.17 -1.72 1.59
N GLY A 26 1.50 -2.83 1.94
CA GLY A 26 0.30 -2.77 2.74
C GLY A 26 0.53 -2.93 4.23
N PHE A 27 -0.56 -2.85 4.99
CA PHE A 27 -0.50 -2.99 6.44
C PHE A 27 -0.22 -4.42 6.83
N THR A 28 0.85 -4.60 7.60
CA THR A 28 1.40 -5.90 8.01
C THR A 28 2.13 -6.60 6.86
N GLY A 29 2.17 -6.01 5.67
CA GLY A 29 2.83 -6.58 4.52
C GLY A 29 4.30 -6.26 4.49
N ASN A 30 4.92 -6.42 3.33
CA ASN A 30 6.35 -6.19 3.20
C ASN A 30 6.67 -5.92 1.73
N SER A 31 7.94 -5.58 1.46
CA SER A 31 8.31 -5.17 0.11
C SER A 31 8.10 -6.29 -0.91
N SER A 32 8.17 -7.56 -0.49
N SER A 32 8.17 -7.55 -0.50
CA SER A 32 7.97 -8.64 -1.45
CA SER A 32 7.97 -8.62 -1.48
C SER A 32 6.58 -8.58 -2.07
C SER A 32 6.58 -8.57 -2.08
N ASP A 33 5.62 -7.98 -1.37
CA ASP A 33 4.26 -7.88 -1.90
C ASP A 33 4.19 -6.98 -3.13
N VAL A 34 5.16 -6.09 -3.33
CA VAL A 34 5.21 -5.22 -4.49
C VAL A 34 6.39 -5.52 -5.41
N ARG A 35 7.15 -6.58 -5.12
N ARG A 35 7.13 -6.59 -5.14
CA ARG A 35 8.37 -6.83 -5.89
CA ARG A 35 8.37 -6.86 -5.88
C ARG A 35 8.07 -7.31 -7.30
C ARG A 35 8.09 -7.35 -7.29
N GLN A 36 7.07 -8.17 -7.48
CA GLN A 36 6.71 -8.59 -8.85
C GLN A 36 6.25 -7.42 -9.69
N LEU A 37 5.50 -6.48 -9.10
CA LEU A 37 5.18 -5.25 -9.79
C LEU A 37 6.46 -4.49 -10.16
N GLY A 38 7.39 -4.40 -9.22
CA GLY A 38 8.65 -3.74 -9.50
C GLY A 38 9.37 -4.39 -10.67
N ARG A 39 9.42 -5.71 -10.72
CA ARG A 39 10.11 -6.38 -11.81
C ARG A 39 9.41 -6.15 -13.14
N PHE A 40 8.08 -6.19 -13.15
CA PHE A 40 7.35 -5.90 -14.38
C PHE A 40 7.67 -4.50 -14.87
N LEU A 41 7.66 -3.54 -13.94
CA LEU A 41 7.93 -2.16 -14.30
C LEU A 41 9.34 -2.01 -14.83
N GLN A 42 10.29 -2.74 -14.25
CA GLN A 42 11.66 -2.72 -14.71
C GLN A 42 11.75 -3.22 -16.13
N LYS A 43 11.05 -4.32 -16.45
CA LYS A 43 11.03 -4.79 -17.83
C LYS A 43 10.43 -3.78 -18.80
N LYS A 44 9.60 -2.88 -18.31
CA LYS A 44 9.02 -1.82 -19.12
C LYS A 44 9.82 -0.53 -19.08
N GLY A 45 11.00 -0.55 -18.47
CA GLY A 45 11.88 0.59 -18.48
C GLY A 45 11.82 1.52 -17.30
N TYR A 46 10.92 1.26 -16.33
CA TYR A 46 10.69 2.13 -15.20
C TYR A 46 11.57 1.74 -14.01
N THR A 47 12.22 2.75 -13.43
CA THR A 47 12.87 2.61 -12.12
C THR A 47 11.83 2.48 -11.02
N SER A 48 12.13 1.70 -10.00
CA SER A 48 11.27 1.68 -8.83
C SER A 48 12.08 1.58 -7.55
N TYR A 49 11.48 2.10 -6.48
CA TYR A 49 12.01 1.97 -5.15
C TYR A 49 10.88 1.56 -4.23
N ALA A 50 11.12 0.56 -3.40
CA ALA A 50 10.13 0.12 -2.40
C ALA A 50 10.72 0.19 -1.00
N PRO A 51 10.24 1.08 -0.14
CA PRO A 51 10.66 1.04 1.26
C PRO A 51 10.00 -0.12 1.98
N GLN A 52 10.36 -0.31 3.23
CA GLN A 52 9.69 -1.25 4.10
C GLN A 52 9.44 -0.60 5.45
N TYR A 53 8.19 -0.68 5.90
CA TYR A 53 7.77 0.08 7.08
C TYR A 53 8.41 -0.52 8.34
N GLU A 54 8.77 0.37 9.26
CA GLU A 54 9.31 -0.08 10.53
C GLU A 54 8.35 -1.08 11.18
N GLY A 55 8.93 -2.09 11.79
CA GLY A 55 8.16 -3.09 12.52
C GLY A 55 7.50 -4.15 11.69
N HIS A 56 7.56 -4.03 10.36
CA HIS A 56 6.94 -4.97 9.45
C HIS A 56 7.92 -6.10 9.13
N ALA A 57 7.37 -7.21 8.65
CA ALA A 57 8.14 -8.43 8.34
C ALA A 57 8.87 -8.95 9.57
N ALA A 58 8.20 -8.90 10.71
CA ALA A 58 8.81 -9.15 12.00
C ALA A 58 7.74 -9.72 12.92
N PRO A 59 8.11 -10.18 14.11
CA PRO A 59 7.08 -10.63 15.05
C PRO A 59 6.03 -9.55 15.22
N PRO A 60 4.78 -9.93 15.45
CA PRO A 60 3.69 -8.95 15.43
C PRO A 60 3.81 -7.88 16.49
N ASP A 61 4.45 -8.18 17.60
CA ASP A 61 4.57 -7.15 18.63
C ASP A 61 5.40 -5.97 18.14
N GLU A 62 6.25 -6.16 17.13
CA GLU A 62 7.03 -5.04 16.62
C GLU A 62 6.13 -4.00 15.96
N ILE A 63 5.02 -4.42 15.36
CA ILE A 63 4.10 -3.43 14.81
C ILE A 63 3.56 -2.54 15.93
N LEU A 64 3.25 -3.15 17.08
CA LEU A 64 2.63 -2.46 18.21
C LEU A 64 3.60 -1.55 18.94
N LYS A 65 4.90 -1.67 18.68
CA LYS A 65 5.90 -0.77 19.20
C LYS A 65 6.19 0.39 18.26
N SER A 66 5.60 0.38 17.08
CA SER A 66 5.88 1.37 16.05
C SER A 66 4.69 2.30 15.95
N SER A 67 4.56 2.98 14.82
CA SER A 67 3.51 3.98 14.66
C SER A 67 3.30 4.24 13.18
N PRO A 68 2.07 4.53 12.76
CA PRO A 68 1.85 4.91 11.36
C PRO A 68 2.57 6.20 10.97
N PHE A 69 2.86 7.07 11.92
CA PHE A 69 3.61 8.27 11.60
C PHE A 69 5.00 7.91 11.12
N VAL A 70 5.60 6.89 11.73
CA VAL A 70 6.88 6.38 11.24
C VAL A 70 6.72 5.77 9.86
N TRP A 71 5.67 4.94 9.66
CA TRP A 71 5.51 4.27 8.36
C TRP A 71 5.32 5.30 7.24
N PHE A 72 4.58 6.37 7.51
CA PHE A 72 4.41 7.40 6.49
C PHE A 72 5.74 8.10 6.21
N LYS A 73 6.51 8.39 7.25
CA LYS A 73 7.85 8.92 7.04
C LYS A 73 8.72 7.95 6.26
N ASP A 74 8.57 6.63 6.48
CA ASP A 74 9.31 5.66 5.67
C ASP A 74 8.94 5.81 4.20
N ALA A 75 7.65 6.07 3.91
CA ALA A 75 7.22 6.32 2.54
C ALA A 75 7.85 7.59 1.97
N LEU A 76 7.80 8.68 2.75
CA LEU A 76 8.42 9.93 2.31
C LEU A 76 9.91 9.75 2.11
N ASP A 77 10.56 8.99 2.99
CA ASP A 77 12.00 8.78 2.84
C ASP A 77 12.31 8.07 1.53
N GLY A 78 11.41 7.21 1.07
CA GLY A 78 11.62 6.54 -0.21
C GLY A 78 11.50 7.50 -1.38
N TYR A 79 10.52 8.40 -1.33
CA TYR A 79 10.44 9.46 -2.32
C TYR A 79 11.70 10.29 -2.34
N ASP A 80 12.15 10.71 -1.15
CA ASP A 80 13.29 11.59 -1.08
C ASP A 80 14.56 10.88 -1.52
N TYR A 81 14.64 9.57 -1.27
CA TYR A 81 15.78 8.79 -1.75
C TYR A 81 15.80 8.73 -3.27
N LEU A 82 14.65 8.53 -3.90
CA LEU A 82 14.62 8.54 -5.37
C LEU A 82 15.13 9.87 -5.91
N VAL A 83 14.70 10.98 -5.31
CA VAL A 83 15.19 12.29 -5.73
C VAL A 83 16.71 12.39 -5.55
N GLU A 84 17.23 11.95 -4.40
CA GLU A 84 18.66 12.00 -4.16
C GLU A 84 19.44 11.17 -5.17
N GLN A 85 18.82 10.10 -5.66
CA GLN A 85 19.46 9.23 -6.63
C GLN A 85 19.26 9.69 -8.08
N GLY A 86 18.61 10.83 -8.26
CA GLY A 86 18.51 11.44 -9.57
C GLY A 86 17.17 11.35 -10.25
N TYR A 87 16.14 10.87 -9.57
CA TYR A 87 14.83 10.66 -10.17
C TYR A 87 13.88 11.74 -9.66
N ASP A 88 13.65 12.76 -10.49
CA ASP A 88 12.78 13.87 -10.11
C ASP A 88 11.31 13.62 -10.42
N GLU A 89 11.01 12.75 -11.40
CA GLU A 89 9.65 12.48 -11.86
C GLU A 89 9.27 11.11 -11.32
N ILE A 90 8.28 11.10 -10.42
CA ILE A 90 7.97 9.93 -9.59
C ILE A 90 6.45 9.78 -9.56
N VAL A 91 5.97 8.57 -9.85
CA VAL A 91 4.59 8.20 -9.56
C VAL A 91 4.61 7.41 -8.26
N VAL A 92 3.64 7.67 -7.40
CA VAL A 92 3.54 6.93 -6.15
C VAL A 92 2.42 5.88 -6.27
N ALA A 93 2.78 4.61 -6.11
CA ALA A 93 1.85 3.50 -6.28
C ALA A 93 1.79 2.73 -4.98
N GLY A 94 0.64 2.73 -4.35
CA GLY A 94 0.51 2.10 -3.05
C GLY A 94 -0.54 1.01 -2.95
N LEU A 95 -0.16 -0.09 -2.29
CA LEU A 95 -1.00 -1.24 -2.03
C LEU A 95 -1.58 -1.14 -0.63
N SER A 96 -2.90 -1.31 -0.52
CA SER A 96 -3.55 -1.38 0.79
C SER A 96 -3.28 -0.08 1.54
N LEU A 97 -2.82 -0.14 2.80
CA LEU A 97 -2.51 1.10 3.53
C LEU A 97 -1.54 1.97 2.76
N GLY A 98 -0.64 1.35 2.00
CA GLY A 98 0.26 2.11 1.15
C GLY A 98 -0.45 3.02 0.16
N GLY A 99 -1.63 2.62 -0.30
CA GLY A 99 -2.42 3.49 -1.17
C GLY A 99 -2.93 4.71 -0.45
N ASP A 100 -3.35 4.57 0.81
CA ASP A 100 -3.64 5.76 1.60
C ASP A 100 -2.40 6.63 1.76
N PHE A 101 -1.25 6.03 2.02
CA PHE A 101 -0.03 6.82 2.09
C PHE A 101 0.30 7.47 0.75
N ALA A 102 -0.02 6.83 -0.38
CA ALA A 102 0.22 7.45 -1.68
C ALA A 102 -0.61 8.70 -1.85
N LEU A 103 -1.89 8.67 -1.46
CA LEU A 103 -2.72 9.85 -1.53
C LEU A 103 -2.13 10.96 -0.68
N LYS A 104 -1.77 10.67 0.57
CA LYS A 104 -1.22 11.71 1.44
C LYS A 104 0.13 12.19 0.96
N LEU A 105 0.97 11.27 0.45
CA LEU A 105 2.27 11.68 -0.06
C LEU A 105 2.13 12.72 -1.16
N SER A 106 1.10 12.58 -2.01
CA SER A 106 0.91 13.53 -3.10
C SER A 106 0.61 14.94 -2.62
N LEU A 107 0.20 15.12 -1.35
CA LEU A 107 0.00 16.41 -0.72
C LEU A 107 1.27 16.92 -0.04
N ASN A 108 2.30 16.10 0.04
CA ASN A 108 3.55 16.42 0.72
C ASN A 108 4.73 16.53 -0.22
N ARG A 109 4.60 16.00 -1.44
CA ARG A 109 5.69 15.93 -2.42
C ARG A 109 5.07 16.04 -3.80
N ASP A 110 5.89 16.44 -4.79
CA ASP A 110 5.41 16.51 -6.16
C ASP A 110 5.48 15.15 -6.86
N VAL A 111 4.35 14.66 -7.34
CA VAL A 111 4.29 13.40 -8.07
C VAL A 111 3.64 13.61 -9.43
N LYS A 112 4.02 12.75 -10.39
CA LYS A 112 3.43 12.77 -11.72
C LYS A 112 2.09 12.06 -11.75
N GLY A 113 1.84 11.23 -10.76
CA GLY A 113 0.59 10.47 -10.72
C GLY A 113 0.59 9.59 -9.49
N ILE A 114 -0.57 8.98 -9.26
CA ILE A 114 -0.88 8.15 -8.09
C ILE A 114 -1.55 6.88 -8.58
N VAL A 115 -1.19 5.76 -7.98
CA VAL A 115 -1.95 4.52 -8.10
C VAL A 115 -2.29 4.07 -6.70
N THR A 116 -3.57 3.77 -6.46
CA THR A 116 -4.00 3.12 -5.24
C THR A 116 -4.51 1.74 -5.57
N MET A 117 -4.13 0.72 -4.78
CA MET A 117 -4.51 -0.66 -5.06
C MET A 117 -5.07 -1.24 -3.76
N CYS A 118 -6.39 -1.41 -3.72
CA CYS A 118 -7.05 -1.99 -2.55
C CYS A 118 -6.83 -1.15 -1.29
N ALA A 119 -6.84 0.17 -1.46
CA ALA A 119 -6.62 1.08 -0.35
C ALA A 119 -7.91 1.33 0.42
N PRO A 120 -7.87 1.32 1.75
CA PRO A 120 -9.08 1.58 2.53
C PRO A 120 -9.46 3.06 2.52
N MET A 121 -10.74 3.32 2.51
CA MET A 121 -11.24 4.66 2.80
C MET A 121 -12.71 4.55 3.14
N GLY A 122 -13.09 5.01 4.33
CA GLY A 122 -14.46 4.96 4.78
C GLY A 122 -14.79 3.62 5.37
N GLY A 123 -16.02 3.54 5.88
CA GLY A 123 -16.51 2.26 6.37
C GLY A 123 -15.93 1.89 7.73
N LYS A 124 -15.86 0.59 7.98
CA LYS A 124 -15.55 0.09 9.32
C LYS A 124 -14.03 -0.03 9.48
N THR A 125 -13.37 1.14 9.52
N THR A 125 -13.39 1.13 9.51
CA THR A 125 -11.91 1.18 9.58
CA THR A 125 -11.92 1.20 9.59
C THR A 125 -11.39 0.41 10.78
C THR A 125 -11.39 0.42 10.77
N GLU A 126 -12.03 0.54 11.94
CA GLU A 126 -11.53 -0.15 13.11
C GLU A 126 -11.50 -1.65 12.89
N GLY A 127 -12.54 -2.20 12.26
CA GLY A 127 -12.57 -3.62 11.97
C GLY A 127 -11.45 -4.04 11.06
N ALA A 128 -11.17 -3.24 10.04
CA ALA A 128 -10.08 -3.59 9.13
C ALA A 128 -8.73 -3.55 9.86
N ILE A 129 -8.53 -2.56 10.73
CA ILE A 129 -7.27 -2.45 11.44
C ILE A 129 -7.04 -3.67 12.31
N TYR A 130 -8.01 -4.00 13.16
CA TYR A 130 -7.79 -5.09 14.11
C TYR A 130 -7.77 -6.43 13.40
N GLU A 131 -8.64 -6.64 12.41
CA GLU A 131 -8.62 -7.92 11.72
C GLU A 131 -7.32 -8.09 10.94
N GLY A 132 -6.80 -7.00 10.35
CA GLY A 132 -5.55 -7.10 9.63
C GLY A 132 -4.41 -7.46 10.57
N PHE A 133 -4.34 -6.78 11.71
CA PHE A 133 -3.27 -7.05 12.66
C PHE A 133 -3.39 -8.47 13.22
N LEU A 134 -4.58 -8.85 13.66
CA LEU A 134 -4.76 -10.14 14.32
C LEU A 134 -4.52 -11.28 13.36
N GLU A 135 -4.91 -11.12 12.09
CA GLU A 135 -4.63 -12.16 11.11
C GLU A 135 -3.13 -12.33 10.92
N TYR A 136 -2.41 -11.21 10.79
CA TYR A 136 -0.96 -11.30 10.68
C TYR A 136 -0.37 -11.98 11.91
N ALA A 137 -0.82 -11.59 13.10
CA ALA A 137 -0.25 -12.14 14.32
C ALA A 137 -0.50 -13.64 14.42
N ARG A 138 -1.73 -14.09 14.15
CA ARG A 138 -2.03 -15.51 14.20
C ARG A 138 -1.18 -16.27 13.20
N ASN A 139 -1.06 -15.77 11.97
CA ASN A 139 -0.30 -16.47 10.96
C ASN A 139 1.18 -16.52 11.32
N PHE A 140 1.69 -15.45 11.94
CA PHE A 140 3.08 -15.45 12.35
C PHE A 140 3.33 -16.52 13.41
N LYS A 141 2.44 -16.61 14.40
CA LYS A 141 2.63 -17.60 15.45
C LYS A 141 2.55 -19.00 14.89
N LYS A 142 1.70 -19.21 13.87
CA LYS A 142 1.68 -20.51 13.20
C LYS A 142 3.02 -20.79 12.55
N TYR A 143 3.60 -19.79 11.89
CA TYR A 143 4.91 -19.94 11.24
C TYR A 143 6.00 -20.21 12.26
N GLU A 144 5.85 -19.71 13.49
CA GLU A 144 6.82 -19.97 14.55
C GLU A 144 6.74 -21.40 15.07
N GLY A 145 5.75 -22.16 14.59
CA GLY A 145 5.57 -23.54 15.01
C GLY A 145 4.79 -23.72 16.28
N LYS A 146 4.04 -22.72 16.70
CA LYS A 146 3.29 -22.82 17.95
C LYS A 146 2.01 -23.62 17.78
N ASP A 147 1.62 -24.30 18.85
CA ASP A 147 0.38 -25.07 18.86
C ASP A 147 -0.82 -24.15 19.04
N GLN A 148 -2.01 -24.70 18.76
CA GLN A 148 -3.20 -23.88 18.73
C GLN A 148 -3.52 -23.26 20.10
N GLU A 149 -3.25 -23.97 21.20
CA GLU A 149 -3.54 -23.39 22.50
C GLU A 149 -2.58 -22.25 22.80
N THR A 150 -1.29 -22.46 22.57
CA THR A 150 -0.32 -21.39 22.77
C THR A 150 -0.69 -20.18 21.94
N ILE A 151 -1.09 -20.38 20.68
CA ILE A 151 -1.53 -19.25 19.87
C ILE A 151 -2.73 -18.55 20.49
N ASP A 152 -3.75 -19.32 20.89
CA ASP A 152 -4.94 -18.71 21.47
C ASP A 152 -4.57 -17.94 22.73
N ASN A 153 -3.70 -18.51 23.55
CA ASN A 153 -3.31 -17.84 24.79
C ASN A 153 -2.54 -16.56 24.51
N GLU A 154 -1.59 -16.60 23.57
CA GLU A 154 -0.85 -15.38 23.23
C GLU A 154 -1.77 -14.35 22.61
N MET A 155 -2.72 -14.78 21.79
CA MET A 155 -3.66 -13.84 21.20
C MET A 155 -4.59 -13.24 22.25
N ASP A 156 -5.00 -14.05 23.24
CA ASP A 156 -5.84 -13.51 24.32
C ASP A 156 -5.12 -12.49 25.18
N HIS A 157 -3.79 -12.49 25.19
CA HIS A 157 -3.03 -11.48 25.92
C HIS A 157 -2.69 -10.28 25.07
N PHE A 158 -3.24 -10.19 23.87
CA PHE A 158 -3.11 -8.99 23.06
C PHE A 158 -3.63 -7.78 23.82
N LYS A 159 -2.78 -6.76 23.94
CA LYS A 159 -3.15 -5.48 24.52
C LYS A 159 -3.06 -4.43 23.42
N PRO A 160 -4.16 -3.81 23.01
CA PRO A 160 -4.05 -2.71 22.05
C PRO A 160 -3.10 -1.63 22.54
N THR A 161 -2.32 -1.08 21.63
CA THR A 161 -1.44 0.04 21.93
C THR A 161 -1.85 1.28 21.14
N GLU A 162 -1.17 2.39 21.43
CA GLU A 162 -1.47 3.63 20.73
C GLU A 162 -1.33 3.48 19.22
N THR A 163 -0.55 2.50 18.77
CA THR A 163 -0.31 2.33 17.34
C THR A 163 -1.63 2.21 16.57
N LEU A 164 -2.53 1.36 17.05
CA LEU A 164 -3.75 1.05 16.32
C LEU A 164 -4.72 2.20 16.38
N LYS A 165 -4.76 2.94 17.49
CA LYS A 165 -5.57 4.16 17.56
C LYS A 165 -5.01 5.22 16.62
N GLU A 166 -3.68 5.38 16.61
CA GLU A 166 -3.08 6.31 15.67
C GLU A 166 -3.41 5.94 14.22
N LEU A 167 -3.41 4.65 13.90
CA LEU A 167 -3.74 4.25 12.53
C LEU A 167 -5.17 4.64 12.19
N SER A 168 -6.10 4.44 13.11
CA SER A 168 -7.47 4.85 12.84
C SER A 168 -7.56 6.36 12.61
N GLU A 169 -6.86 7.12 13.45
CA GLU A 169 -6.89 8.57 13.27
C GLU A 169 -6.23 8.99 11.97
N ALA A 170 -5.11 8.33 11.61
CA ALA A 170 -4.44 8.65 10.35
C ALA A 170 -5.34 8.36 9.15
N LEU A 171 -6.03 7.22 9.17
CA LEU A 171 -6.93 6.94 8.05
C LEU A 171 -8.03 7.97 7.94
N ASP A 172 -8.59 8.42 9.07
CA ASP A 172 -9.63 9.44 9.01
C ASP A 172 -9.08 10.77 8.53
N THR A 173 -7.85 11.11 8.92
CA THR A 173 -7.24 12.34 8.41
C THR A 173 -7.11 12.26 6.89
N ILE A 174 -6.63 11.13 6.37
CA ILE A 174 -6.45 11.02 4.94
C ILE A 174 -7.79 11.08 4.21
N LYS A 175 -8.82 10.40 4.73
CA LYS A 175 -10.17 10.53 4.19
C LYS A 175 -10.61 11.99 4.09
N GLU A 176 -10.40 12.76 5.15
CA GLU A 176 -10.89 14.12 5.22
C GLU A 176 -10.08 15.09 4.36
N GLN A 177 -8.90 14.69 3.88
CA GLN A 177 -8.11 15.51 2.98
C GLN A 177 -8.03 14.96 1.55
N VAL A 178 -8.79 13.90 1.24
CA VAL A 178 -8.70 13.30 -0.08
C VAL A 178 -9.21 14.24 -1.18
N ASP A 179 -10.10 15.19 -0.83
CA ASP A 179 -10.55 16.19 -1.81
C ASP A 179 -9.45 17.18 -2.20
N GLU A 180 -8.29 17.12 -1.56
CA GLU A 180 -7.17 17.94 -1.95
C GLU A 180 -6.28 17.27 -3.00
N VAL A 181 -6.47 15.98 -3.25
CA VAL A 181 -5.69 15.26 -4.23
C VAL A 181 -6.07 15.73 -5.62
N LEU A 182 -5.04 16.09 -6.42
CA LEU A 182 -5.21 16.69 -7.73
C LEU A 182 -4.49 15.94 -8.84
N ASP A 183 -3.55 15.10 -8.53
CA ASP A 183 -2.70 14.50 -9.56
C ASP A 183 -3.38 13.33 -10.23
N PRO A 184 -2.98 13.00 -11.46
CA PRO A 184 -3.62 11.88 -12.18
C PRO A 184 -3.59 10.61 -11.35
N ILE A 185 -4.66 9.83 -11.39
CA ILE A 185 -4.82 8.71 -10.46
C ILE A 185 -5.49 7.53 -11.13
N LEU A 186 -4.97 6.35 -10.86
CA LEU A 186 -5.60 5.08 -11.20
C LEU A 186 -5.96 4.39 -9.89
N VAL A 187 -7.25 4.11 -9.71
CA VAL A 187 -7.77 3.41 -8.53
C VAL A 187 -8.02 1.97 -8.95
N ILE A 188 -7.39 1.03 -8.23
CA ILE A 188 -7.50 -0.40 -8.50
C ILE A 188 -8.12 -1.06 -7.27
N GLN A 189 -9.04 -1.99 -7.49
CA GLN A 189 -9.64 -2.69 -6.37
C GLN A 189 -10.00 -4.12 -6.71
N ALA A 190 -9.63 -5.02 -5.81
CA ALA A 190 -10.06 -6.41 -5.85
C ALA A 190 -11.48 -6.57 -5.33
N GLU A 191 -12.32 -7.26 -6.10
CA GLU A 191 -13.71 -7.44 -5.65
C GLU A 191 -13.81 -8.34 -4.44
N ASN A 192 -12.88 -9.32 -4.30
CA ASN A 192 -12.96 -10.30 -3.23
C ASN A 192 -12.05 -9.96 -2.06
N ASP A 193 -11.75 -8.68 -1.87
CA ASP A 193 -10.97 -8.22 -0.74
C ASP A 193 -11.69 -8.51 0.55
N ASN A 194 -11.08 -9.34 1.39
N ASN A 194 -11.09 -9.34 1.40
CA ASN A 194 -11.63 -9.71 2.68
CA ASN A 194 -11.68 -9.67 2.69
C ASN A 194 -11.06 -8.86 3.82
C ASN A 194 -11.07 -8.85 3.83
N MET A 195 -10.16 -7.94 3.52
CA MET A 195 -9.54 -7.09 4.52
C MET A 195 -10.18 -5.72 4.59
N ILE A 196 -10.45 -5.09 3.45
CA ILE A 196 -11.03 -3.77 3.41
C ILE A 196 -12.21 -3.79 2.45
N ASP A 197 -13.18 -2.93 2.71
CA ASP A 197 -14.39 -2.90 1.91
C ASP A 197 -14.10 -2.40 0.50
N PRO A 198 -14.43 -3.16 -0.54
CA PRO A 198 -14.17 -2.68 -1.92
C PRO A 198 -14.83 -1.36 -2.26
N GLN A 199 -15.90 -0.96 -1.55
CA GLN A 199 -16.52 0.33 -1.82
C GLN A 199 -15.57 1.50 -1.55
N SER A 200 -14.47 1.24 -0.83
CA SER A 200 -13.43 2.25 -0.65
C SER A 200 -13.01 2.84 -2.00
N ALA A 201 -12.97 2.02 -3.05
CA ALA A 201 -12.48 2.49 -4.33
C ALA A 201 -13.41 3.51 -4.92
N ASN A 202 -14.71 3.26 -4.86
CA ASN A 202 -15.69 4.27 -5.26
C ASN A 202 -15.48 5.56 -4.50
N TYR A 203 -15.24 5.45 -3.20
CA TYR A 203 -15.11 6.64 -2.38
C TYR A 203 -13.91 7.46 -2.82
N ILE A 204 -12.76 6.82 -2.99
CA ILE A 204 -11.57 7.53 -3.44
C ILE A 204 -11.83 8.17 -4.79
N TYR A 205 -12.33 7.38 -5.74
CA TYR A 205 -12.54 7.91 -7.07
C TYR A 205 -13.45 9.10 -7.06
N ASP A 206 -14.54 9.03 -6.28
CA ASP A 206 -15.54 10.09 -6.29
C ASP A 206 -15.05 11.37 -5.60
N HIS A 207 -14.13 11.27 -4.67
CA HIS A 207 -13.81 12.39 -3.80
C HIS A 207 -12.49 13.09 -4.10
N VAL A 208 -11.56 12.46 -4.84
CA VAL A 208 -10.38 13.20 -5.26
C VAL A 208 -10.82 14.34 -6.18
N ASP A 209 -10.02 15.41 -6.21
CA ASP A 209 -10.23 16.51 -7.15
C ASP A 209 -9.59 16.22 -8.52
N SER A 210 -8.81 15.14 -8.62
CA SER A 210 -8.09 14.85 -9.86
C SER A 210 -9.00 14.88 -11.06
N ASP A 211 -8.63 15.67 -12.05
CA ASP A 211 -9.37 15.74 -13.31
C ASP A 211 -9.10 14.53 -14.19
N ASP A 212 -7.92 13.93 -14.07
CA ASP A 212 -7.53 12.76 -14.82
C ASP A 212 -7.54 11.56 -13.88
N LYS A 213 -8.56 10.69 -14.02
CA LYS A 213 -8.70 9.57 -13.10
C LYS A 213 -9.32 8.40 -13.86
N ASN A 214 -9.05 7.19 -13.36
CA ASN A 214 -9.58 5.95 -13.91
C ASN A 214 -9.70 4.98 -12.76
N ILE A 215 -10.54 3.95 -12.95
CA ILE A 215 -10.78 2.94 -11.93
C ILE A 215 -10.90 1.59 -12.61
N LYS A 216 -10.34 0.55 -11.99
CA LYS A 216 -10.38 -0.81 -12.50
C LYS A 216 -10.70 -1.75 -11.36
N TRP A 217 -11.57 -2.72 -11.63
N TRP A 217 -11.57 -2.73 -11.62
CA TRP A 217 -11.99 -3.73 -10.66
CA TRP A 217 -11.97 -3.71 -10.63
C TRP A 217 -11.60 -5.12 -11.13
C TRP A 217 -11.59 -5.10 -11.12
N TYR A 218 -11.19 -5.97 -10.20
CA TYR A 218 -10.66 -7.28 -10.53
C TYR A 218 -11.47 -8.36 -9.84
N SER A 219 -12.14 -9.19 -10.65
CA SER A 219 -13.20 -10.05 -10.17
C SER A 219 -12.70 -11.32 -9.49
N GLU A 220 -11.40 -11.65 -9.60
CA GLU A 220 -10.87 -12.89 -9.08
C GLU A 220 -9.68 -12.65 -8.16
N SER A 221 -9.68 -11.52 -7.46
CA SER A 221 -8.53 -11.10 -6.67
C SER A 221 -8.95 -10.72 -5.26
N GLY A 222 -7.96 -10.81 -4.36
CA GLY A 222 -8.12 -10.35 -3.00
C GLY A 222 -7.22 -9.18 -2.66
N HIS A 223 -7.04 -8.95 -1.36
CA HIS A 223 -6.43 -7.71 -0.87
C HIS A 223 -5.02 -7.49 -1.42
N VAL A 224 -4.16 -8.51 -1.36
CA VAL A 224 -2.77 -8.35 -1.80
C VAL A 224 -2.74 -8.61 -3.30
N ILE A 225 -3.30 -7.67 -4.05
CA ILE A 225 -3.70 -7.91 -5.43
C ILE A 225 -2.49 -8.12 -6.33
N THR A 226 -1.35 -7.53 -5.94
CA THR A 226 -0.14 -7.57 -6.75
C THR A 226 0.62 -8.88 -6.66
N ILE A 227 0.16 -9.83 -5.84
CA ILE A 227 0.69 -11.19 -5.85
C ILE A 227 -0.36 -12.21 -6.23
N ASP A 228 -1.60 -11.80 -6.48
CA ASP A 228 -2.71 -12.71 -6.69
C ASP A 228 -2.82 -13.07 -8.17
N LYS A 229 -3.84 -13.87 -8.51
CA LYS A 229 -3.84 -14.59 -9.77
C LYS A 229 -4.10 -13.71 -10.98
N GLU A 230 -4.53 -12.46 -10.80
CA GLU A 230 -4.73 -11.55 -11.92
C GLU A 230 -3.63 -10.50 -11.98
N LYS A 231 -2.51 -10.77 -11.31
CA LYS A 231 -1.48 -9.74 -11.18
C LYS A 231 -0.99 -9.27 -12.54
N GLU A 232 -0.94 -10.13 -13.55
N GLU A 232 -0.92 -10.13 -13.55
CA GLU A 232 -0.41 -9.71 -14.84
CA GLU A 232 -0.37 -9.68 -14.83
C GLU A 232 -1.30 -8.66 -15.49
C GLU A 232 -1.30 -8.65 -15.49
N GLN A 233 -2.62 -8.81 -15.35
CA GLN A 233 -3.53 -7.80 -15.89
C GLN A 233 -3.43 -6.51 -15.08
N VAL A 234 -3.34 -6.61 -13.75
CA VAL A 234 -3.14 -5.42 -12.93
C VAL A 234 -1.90 -4.68 -13.40
N PHE A 235 -0.80 -5.41 -13.62
CA PHE A 235 0.44 -4.78 -14.02
C PHE A 235 0.27 -4.09 -15.37
N GLU A 236 -0.39 -4.75 -16.32
CA GLU A 236 -0.61 -4.14 -17.62
C GLU A 236 -1.43 -2.86 -17.49
N ASP A 237 -2.46 -2.87 -16.65
CA ASP A 237 -3.30 -1.69 -16.47
C ASP A 237 -2.50 -0.56 -15.85
N ILE A 238 -1.63 -0.87 -14.89
CA ILE A 238 -0.77 0.16 -14.32
C ILE A 238 0.12 0.73 -15.41
N TYR A 239 0.73 -0.15 -16.21
CA TYR A 239 1.60 0.29 -17.29
C TYR A 239 0.90 1.25 -18.24
N GLN A 240 -0.31 0.91 -18.68
CA GLN A 240 -1.04 1.78 -19.59
C GLN A 240 -1.29 3.15 -18.96
N PHE A 241 -1.61 3.18 -17.67
CA PHE A 241 -1.76 4.45 -16.97
C PHE A 241 -0.43 5.22 -16.96
N LEU A 242 0.67 4.57 -16.59
CA LEU A 242 1.96 5.26 -16.58
C LEU A 242 2.28 5.88 -17.93
N GLU A 243 2.01 5.12 -19.01
CA GLU A 243 2.35 5.59 -20.35
C GLU A 243 1.55 6.81 -20.76
N SER A 244 0.46 7.09 -20.06
CA SER A 244 -0.40 8.22 -20.37
C SER A 244 0.03 9.53 -19.72
N LEU A 245 1.03 9.51 -18.84
CA LEU A 245 1.35 10.66 -18.01
C LEU A 245 2.31 11.63 -18.69
N ASP A 246 2.46 12.78 -18.06
CA ASP A 246 3.18 13.93 -18.61
C ASP A 246 4.67 13.87 -18.26
N TRP A 247 5.29 12.75 -18.65
CA TRP A 247 6.72 12.60 -18.42
C TRP A 247 7.54 13.52 -19.34
N SER A 248 8.67 14.00 -18.83
CA SER A 248 9.62 14.75 -19.65
C SER A 248 10.23 13.84 -20.71
#